data_5JVF
#
_entry.id   5JVF
#
_cell.length_a   66.250
_cell.length_b   66.250
_cell.length_c   112.870
_cell.angle_alpha   90.00
_cell.angle_beta   90.00
_cell.angle_gamma   120.00
#
_symmetry.space_group_name_H-M   'P 32 2 1'
#
loop_
_entity.id
_entity.type
_entity.pdbx_description
1 polymer 'Site-determining protein'
2 non-polymer 'IODIDE ION'
3 non-polymer GLYCEROL
4 water water
#
_entity_poly.entity_id   1
_entity_poly.type   'polypeptide(L)'
_entity_poly.pdbx_seq_one_letter_code
;GPLGSMKQMGSMHPVQVIAVTGGKGGVGKTNVSVNLALALADLGRRVMLLDADLGLANVDVLLGLTPKRTLADVIEGRCE
LRDVLLLGPGGVRIVPAASGTQSMVHLSPMQHAGLIQAFSDISDNLDVLVVDTAAGIGDSVVSFVRAAQEVLLVVCDEPT
SITDAYALIKLLNRDHGMTRFRVLANMAHSPQEGRNLFAKLTKVTDRFLDVALQYVGVIPYDESVRKAVQKQRAVYEAFP
RSKASLAFKAVAQKVDSWPLPANPRGHLEFFVERLVQHPATGSAV
;
_entity_poly.pdbx_strand_id   A
#
# COMPACT_ATOMS: atom_id res chain seq x y z
N MET A 12 -1.11 -22.35 -5.63
CA MET A 12 0.00 -22.33 -6.58
C MET A 12 0.96 -21.19 -6.27
N HIS A 13 0.48 -19.95 -6.40
CA HIS A 13 1.30 -18.78 -6.10
C HIS A 13 1.10 -18.33 -4.66
N PRO A 14 2.18 -17.93 -3.98
CA PRO A 14 1.97 -17.27 -2.69
C PRO A 14 1.28 -15.93 -2.86
N VAL A 15 0.66 -15.44 -1.80
CA VAL A 15 0.04 -14.12 -1.83
C VAL A 15 1.10 -13.04 -2.00
N GLN A 16 0.92 -12.16 -2.98
CA GLN A 16 1.81 -11.02 -3.15
C GLN A 16 1.39 -9.94 -2.16
N VAL A 17 2.36 -9.22 -1.59
CA VAL A 17 2.04 -8.13 -0.66
C VAL A 17 2.79 -6.87 -1.04
N ILE A 18 2.03 -5.85 -1.40
CA ILE A 18 2.60 -4.57 -1.84
C ILE A 18 2.23 -3.47 -0.89
N ALA A 19 3.23 -2.75 -0.38
CA ALA A 19 2.96 -1.55 0.42
C ALA A 19 3.08 -0.31 -0.45
N VAL A 20 2.06 0.53 -0.38
CA VAL A 20 2.07 1.78 -1.13
C VAL A 20 2.22 2.93 -0.14
N THR A 21 3.18 3.80 -0.38
CA THR A 21 3.45 4.93 0.51
CA THR A 21 3.32 4.93 0.51
C THR A 21 3.36 6.23 -0.29
N GLY A 22 2.61 7.21 0.21
CA GLY A 22 2.38 8.45 -0.49
C GLY A 22 1.19 8.34 -1.42
N GLY A 23 0.95 9.37 -2.23
CA GLY A 23 -0.07 9.33 -3.25
C GLY A 23 -1.51 9.09 -2.85
N LYS A 24 -2.15 10.12 -2.29
CA LYS A 24 -3.56 10.07 -1.94
C LYS A 24 -4.35 11.23 -2.53
N GLY A 28 -3.57 17.63 -4.94
CA GLY A 28 -4.29 16.80 -5.89
C GLY A 28 -4.71 15.48 -5.28
N LYS A 29 -6.01 15.26 -5.15
CA LYS A 29 -6.51 14.04 -4.52
C LYS A 29 -6.43 12.87 -5.51
N THR A 30 -5.46 11.98 -5.28
CA THR A 30 -5.18 10.83 -6.15
C THR A 30 -4.80 9.55 -5.40
N ASN A 31 -5.77 8.64 -5.19
CA ASN A 31 -5.60 7.45 -4.35
C ASN A 31 -4.99 6.23 -5.05
N VAL A 32 -3.67 6.11 -5.01
CA VAL A 32 -2.99 5.09 -5.79
C VAL A 32 -3.34 3.66 -5.34
N SER A 33 -3.46 3.41 -4.03
CA SER A 33 -3.70 2.05 -3.59
C SER A 33 -5.01 1.49 -4.06
N VAL A 34 -6.06 2.32 -3.94
CA VAL A 34 -7.38 1.90 -4.37
C VAL A 34 -7.40 1.63 -5.86
N ASN A 35 -6.83 2.53 -6.65
CA ASN A 35 -6.84 2.32 -8.08
C ASN A 35 -5.97 1.14 -8.53
N LEU A 36 -4.84 0.92 -7.86
CA LEU A 36 -4.04 -0.26 -8.18
C LEU A 36 -4.83 -1.53 -7.86
N ALA A 37 -5.53 -1.53 -6.74
CA ALA A 37 -6.31 -2.71 -6.35
C ALA A 37 -7.41 -2.97 -7.38
N LEU A 38 -8.10 -1.92 -7.82
CA LEU A 38 -9.14 -2.07 -8.84
C LEU A 38 -8.55 -2.54 -10.17
N ALA A 39 -7.39 -2.01 -10.54
CA ALA A 39 -6.79 -2.41 -11.80
C ALA A 39 -6.34 -3.86 -11.75
N LEU A 40 -5.81 -4.28 -10.62
CA LEU A 40 -5.41 -5.67 -10.44
C LEU A 40 -6.60 -6.61 -10.53
N ALA A 41 -7.70 -6.22 -9.90
CA ALA A 41 -8.93 -7.01 -9.95
C ALA A 41 -9.40 -7.13 -11.39
N ASP A 42 -9.23 -6.06 -12.16
CA ASP A 42 -9.71 -6.01 -13.53
C ASP A 42 -8.90 -6.99 -14.38
N LEU A 43 -7.67 -7.27 -13.95
CA LEU A 43 -6.84 -8.29 -14.58
C LEU A 43 -7.13 -9.69 -14.07
N GLY A 44 -8.12 -9.81 -13.19
CA GLY A 44 -8.53 -11.12 -12.70
C GLY A 44 -7.89 -11.53 -11.38
N ARG A 45 -7.14 -10.62 -10.77
CA ARG A 45 -6.53 -10.95 -9.47
C ARG A 45 -7.54 -10.73 -8.36
N ARG A 46 -7.47 -11.57 -7.33
CA ARG A 46 -8.30 -11.38 -6.16
C ARG A 46 -7.51 -10.52 -5.18
N VAL A 47 -8.09 -9.37 -4.81
CA VAL A 47 -7.36 -8.36 -4.05
C VAL A 47 -8.04 -7.95 -2.75
N MET A 48 -7.24 -7.40 -1.86
CA MET A 48 -7.72 -6.80 -0.61
C MET A 48 -6.82 -5.64 -0.21
N LEU A 49 -7.41 -4.64 0.41
CA LEU A 49 -6.67 -3.50 0.92
C LEU A 49 -6.50 -3.53 2.43
N LEU A 50 -5.30 -3.22 2.88
CA LEU A 50 -5.01 -3.03 4.29
CA LEU A 50 -5.05 -3.02 4.29
C LEU A 50 -4.83 -1.53 4.55
N ASP A 51 -5.75 -0.92 5.29
CA ASP A 51 -5.67 0.53 5.56
C ASP A 51 -4.78 0.88 6.75
N ALA A 52 -3.56 1.35 6.47
CA ALA A 52 -2.60 1.61 7.53
C ALA A 52 -2.15 3.07 7.57
N ASP A 53 -3.05 3.98 7.21
CA ASP A 53 -2.75 5.41 7.24
C ASP A 53 -2.88 5.95 8.67
N LEU A 54 -1.78 5.95 9.43
CA LEU A 54 -1.82 6.41 10.82
C LEU A 54 -2.21 7.89 10.98
N GLY A 55 -1.67 8.73 10.11
CA GLY A 55 -1.93 10.15 10.13
C GLY A 55 -3.40 10.43 10.01
N LEU A 56 -4.04 9.77 9.04
CA LEU A 56 -5.49 9.89 8.86
C LEU A 56 -6.25 9.36 10.09
N ALA A 57 -5.81 8.23 10.63
CA ALA A 57 -6.48 7.61 11.77
C ALA A 57 -6.49 8.54 12.98
N ASN A 58 -5.40 9.28 13.16
CA ASN A 58 -5.26 10.14 14.32
C ASN A 58 -6.26 11.29 14.31
N VAL A 59 -6.52 11.84 13.13
CA VAL A 59 -7.50 12.92 12.99
C VAL A 59 -8.90 12.34 13.14
N ASP A 60 -9.09 11.15 12.58
CA ASP A 60 -10.38 10.47 12.60
C ASP A 60 -10.88 10.19 14.02
N VAL A 61 -9.95 9.93 14.93
CA VAL A 61 -10.33 9.71 16.33
C VAL A 61 -11.07 10.91 16.93
N LEU A 62 -10.59 12.11 16.63
CA LEU A 62 -11.20 13.32 17.14
C LEU A 62 -12.53 13.58 16.45
N LEU A 63 -12.72 12.94 15.29
CA LEU A 63 -13.94 13.15 14.50
C LEU A 63 -14.97 12.03 14.68
N GLY A 64 -14.66 11.05 15.52
CA GLY A 64 -15.59 9.95 15.76
C GLY A 64 -15.71 9.08 14.52
N LEU A 65 -14.66 9.04 13.71
CA LEU A 65 -14.63 8.30 12.44
C LEU A 65 -13.89 6.98 12.52
N THR A 66 -13.45 6.59 13.71
CA THR A 66 -12.74 5.31 13.85
C THR A 66 -13.74 4.20 13.57
N PRO A 67 -13.35 3.20 12.76
CA PRO A 67 -14.27 2.08 12.57
C PRO A 67 -14.57 1.38 13.89
N LYS A 68 -15.78 0.85 14.02
CA LYS A 68 -16.24 0.19 15.22
C LYS A 68 -15.31 -0.96 15.59
N ARG A 69 -14.84 -1.66 14.56
CA ARG A 69 -13.91 -2.75 14.76
C ARG A 69 -12.74 -2.59 13.80
N THR A 70 -11.54 -2.92 14.27
CA THR A 70 -10.37 -2.87 13.42
C THR A 70 -9.56 -4.16 13.55
N LEU A 71 -8.47 -4.23 12.79
CA LEU A 71 -7.56 -5.37 12.86
C LEU A 71 -7.07 -5.60 14.30
N ALA A 72 -6.90 -4.52 15.05
CA ALA A 72 -6.44 -4.64 16.44
C ALA A 72 -7.40 -5.48 17.26
N ASP A 73 -8.69 -5.36 16.97
CA ASP A 73 -9.68 -6.14 17.71
C ASP A 73 -9.59 -7.63 17.37
N VAL A 74 -9.17 -7.93 16.14
CA VAL A 74 -9.01 -9.33 15.74
C VAL A 74 -7.80 -9.92 16.45
N ILE A 75 -6.72 -9.15 16.50
CA ILE A 75 -5.49 -9.57 17.17
C ILE A 75 -5.75 -9.78 18.67
N GLU A 76 -6.65 -8.99 19.25
CA GLU A 76 -7.00 -9.16 20.67
C GLU A 76 -8.07 -10.23 20.89
N GLY A 77 -8.54 -10.85 19.81
CA GLY A 77 -9.52 -11.91 19.89
C GLY A 77 -10.94 -11.47 20.23
N ARG A 78 -11.27 -10.21 19.98
CA ARG A 78 -12.61 -9.70 20.27
C ARG A 78 -13.59 -10.03 19.15
N CYS A 79 -13.08 -10.11 17.92
CA CYS A 79 -13.93 -10.41 16.78
C CYS A 79 -13.11 -11.13 15.72
N GLU A 80 -13.77 -11.56 14.64
CA GLU A 80 -13.07 -12.21 13.54
C GLU A 80 -12.76 -11.22 12.45
N LEU A 81 -11.84 -11.60 11.56
CA LEU A 81 -11.46 -10.77 10.44
C LEU A 81 -12.68 -10.33 9.64
N ARG A 82 -13.58 -11.25 9.34
CA ARG A 82 -14.74 -10.92 8.50
C ARG A 82 -15.61 -9.82 9.14
N ASP A 83 -15.52 -9.67 10.45
CA ASP A 83 -16.32 -8.69 11.20
C ASP A 83 -15.80 -7.25 11.04
N VAL A 84 -14.59 -7.09 10.53
CA VAL A 84 -14.00 -5.75 10.42
C VAL A 84 -13.89 -5.25 8.98
N LEU A 85 -14.18 -6.13 8.02
CA LEU A 85 -14.02 -5.78 6.60
C LEU A 85 -15.00 -4.68 6.22
N LEU A 86 -14.47 -3.67 5.53
CA LEU A 86 -15.29 -2.61 4.94
C LEU A 86 -15.27 -2.73 3.43
N LEU A 87 -16.28 -2.19 2.76
CA LEU A 87 -16.26 -2.15 1.30
C LEU A 87 -15.97 -0.74 0.80
N GLY A 88 -14.91 -0.61 0.01
CA GLY A 88 -14.53 0.68 -0.55
C GLY A 88 -14.96 0.77 -2.00
N PRO A 89 -14.34 1.71 -2.74
CA PRO A 89 -14.70 1.93 -4.15
C PRO A 89 -14.64 0.65 -4.98
N GLY A 90 -15.66 0.43 -5.81
CA GLY A 90 -15.70 -0.74 -6.67
C GLY A 90 -15.84 -2.06 -5.94
N GLY A 91 -16.12 -1.99 -4.64
CA GLY A 91 -16.31 -3.18 -3.84
C GLY A 91 -15.03 -3.78 -3.30
N VAL A 92 -13.92 -3.07 -3.42
CA VAL A 92 -12.67 -3.60 -2.86
C VAL A 92 -12.82 -3.73 -1.35
N ARG A 93 -12.40 -4.87 -0.82
CA ARG A 93 -12.45 -5.12 0.62
C ARG A 93 -11.30 -4.44 1.33
N ILE A 94 -11.61 -3.80 2.47
CA ILE A 94 -10.65 -3.02 3.22
C ILE A 94 -10.59 -3.50 4.67
N VAL A 95 -9.38 -3.73 5.17
CA VAL A 95 -9.15 -4.02 6.58
C VAL A 95 -8.59 -2.77 7.27
N PRO A 96 -9.30 -2.21 8.24
CA PRO A 96 -8.76 -1.06 9.00
C PRO A 96 -7.61 -1.46 9.92
N ALA A 97 -6.44 -0.87 9.73
CA ALA A 97 -5.26 -1.32 10.47
C ALA A 97 -4.36 -0.19 10.93
N ALA A 98 -4.94 0.87 11.44
CA ALA A 98 -4.16 2.02 11.87
C ALA A 98 -4.53 2.42 13.30
N SER A 99 -4.99 1.46 14.10
CA SER A 99 -5.44 1.76 15.44
C SER A 99 -4.72 0.94 16.49
N GLY A 100 -3.67 0.25 16.07
CA GLY A 100 -2.88 -0.57 16.97
C GLY A 100 -2.05 0.25 17.92
N THR A 101 -2.07 -0.10 19.20
CA THR A 101 -1.32 0.66 20.21
C THR A 101 -0.27 -0.28 20.78
N GLN A 102 -0.36 -1.51 20.32
CA GLN A 102 0.52 -2.56 20.69
C GLN A 102 1.68 -2.71 19.69
N SER A 103 3.08 -3.12 20.18
CA SER A 103 4.21 -3.33 19.27
C SER A 103 4.10 -4.74 18.69
N MET A 104 4.36 -4.89 17.39
CA MET A 104 4.27 -6.20 16.76
C MET A 104 5.35 -7.14 17.29
N VAL A 105 6.26 -6.60 18.09
CA VAL A 105 7.39 -7.36 18.60
C VAL A 105 7.28 -7.63 20.10
N HIS A 106 6.18 -7.16 20.68
CA HIS A 106 5.92 -7.37 22.09
C HIS A 106 4.54 -8.02 22.23
N LEU A 107 4.23 -8.95 21.34
CA LEU A 107 2.92 -9.61 21.37
C LEU A 107 2.91 -10.77 22.35
N SER A 108 1.78 -10.95 23.03
CA SER A 108 1.57 -12.12 23.85
C SER A 108 1.24 -13.31 22.95
N PRO A 109 1.40 -14.54 23.47
CA PRO A 109 0.95 -15.72 22.70
C PRO A 109 -0.48 -15.58 22.20
N MET A 110 -1.37 -15.03 23.03
CA MET A 110 -2.76 -14.86 22.63
C MET A 110 -2.90 -13.85 21.50
N GLN A 111 -2.16 -12.75 21.59
CA GLN A 111 -2.16 -11.74 20.53
C GLN A 111 -1.51 -12.28 19.25
N HIS A 112 -0.49 -13.10 19.42
CA HIS A 112 0.21 -13.67 18.27
C HIS A 112 -0.72 -14.62 17.52
N ALA A 113 -1.47 -15.43 18.27
CA ALA A 113 -2.45 -16.31 17.66
C ALA A 113 -3.56 -15.55 16.95
N GLY A 114 -3.99 -14.42 17.51
CA GLY A 114 -4.97 -13.58 16.86
C GLY A 114 -4.45 -12.96 15.57
N LEU A 115 -3.17 -12.62 15.58
CA LEU A 115 -2.51 -12.08 14.40
C LEU A 115 -2.42 -13.14 13.30
N ILE A 116 -2.04 -14.34 13.69
CA ILE A 116 -1.98 -15.44 12.75
C ILE A 116 -3.36 -15.69 12.16
N GLN A 117 -4.38 -15.64 13.00
CA GLN A 117 -5.74 -15.90 12.56
C GLN A 117 -6.21 -14.85 11.56
N ALA A 118 -5.93 -13.59 11.87
CA ALA A 118 -6.34 -12.47 11.01
C ALA A 118 -5.75 -12.64 9.62
N PHE A 119 -4.45 -12.96 9.56
CA PHE A 119 -3.82 -13.02 8.25
C PHE A 119 -4.06 -14.33 7.53
N SER A 120 -4.36 -15.40 8.27
CA SER A 120 -4.84 -16.61 7.63
C SER A 120 -6.14 -16.30 6.90
N ASP A 121 -7.05 -15.62 7.59
CA ASP A 121 -8.36 -15.31 7.02
C ASP A 121 -8.22 -14.35 5.83
N ILE A 122 -7.35 -13.36 5.97
CA ILE A 122 -7.09 -12.42 4.87
C ILE A 122 -6.60 -13.17 3.64
N SER A 123 -5.73 -14.15 3.85
CA SER A 123 -5.13 -14.89 2.75
C SER A 123 -6.09 -15.78 1.95
N ASP A 124 -7.26 -16.11 2.50
CA ASP A 124 -8.12 -17.08 1.86
CA ASP A 124 -8.15 -17.07 1.86
C ASP A 124 -8.60 -16.59 0.49
N ASN A 125 -8.29 -17.38 -0.53
CA ASN A 125 -8.61 -17.07 -1.93
C ASN A 125 -8.07 -15.72 -2.38
N LEU A 126 -6.92 -15.33 -1.84
CA LEU A 126 -6.36 -14.02 -2.16
C LEU A 126 -5.12 -14.13 -3.04
N ASP A 127 -4.97 -13.18 -3.96
CA ASP A 127 -3.76 -13.14 -4.79
C ASP A 127 -2.84 -12.01 -4.40
N VAL A 128 -3.42 -10.86 -4.07
CA VAL A 128 -2.63 -9.66 -3.74
C VAL A 128 -3.24 -8.88 -2.57
N LEU A 129 -2.38 -8.58 -1.59
CA LEU A 129 -2.74 -7.67 -0.51
C LEU A 129 -2.03 -6.36 -0.73
N VAL A 130 -2.79 -5.27 -0.82
CA VAL A 130 -2.22 -3.94 -1.00
C VAL A 130 -2.30 -3.17 0.31
N VAL A 131 -1.16 -2.78 0.85
CA VAL A 131 -1.09 -2.10 2.14
C VAL A 131 -0.98 -0.59 1.89
N ASP A 132 -1.99 0.17 2.31
CA ASP A 132 -1.92 1.60 2.09
C ASP A 132 -1.38 2.33 3.31
N THR A 133 -0.30 3.09 3.16
CA THR A 133 0.30 3.73 4.34
C THR A 133 0.62 5.21 4.16
N ALA A 134 0.68 5.93 5.28
CA ALA A 134 1.07 7.33 5.29
C ALA A 134 1.54 7.75 6.68
N ALA A 135 2.62 7.15 7.16
CA ALA A 135 3.19 7.52 8.45
C ALA A 135 4.66 7.09 8.55
N GLY A 136 5.51 8.05 8.91
CA GLY A 136 6.94 7.80 9.01
C GLY A 136 7.29 6.87 10.16
N ASP A 139 5.80 4.20 15.63
CA ASP A 139 4.82 3.84 14.60
C ASP A 139 4.17 2.48 14.90
N SER A 140 3.19 2.10 14.16
CA SER A 140 2.60 0.73 14.13
C SER A 140 2.24 0.44 12.68
N VAL A 141 2.45 1.45 11.84
CA VAL A 141 2.39 1.32 10.39
C VAL A 141 3.58 0.64 9.78
N VAL A 142 4.76 1.16 10.10
CA VAL A 142 5.99 0.80 9.43
C VAL A 142 6.16 -0.72 9.40
N SER A 143 5.64 -1.39 10.42
CA SER A 143 5.69 -2.85 10.47
C SER A 143 5.14 -3.42 9.18
N PHE A 144 3.98 -2.93 8.76
CA PHE A 144 3.37 -3.45 7.54
C PHE A 144 4.21 -3.13 6.31
N VAL A 145 4.86 -1.96 6.30
CA VAL A 145 5.70 -1.58 5.16
C VAL A 145 6.98 -2.43 5.09
N ARG A 146 7.62 -2.61 6.25
CA ARG A 146 8.83 -3.42 6.29
C ARG A 146 8.56 -4.87 5.91
N ALA A 147 7.37 -5.36 6.27
CA ALA A 147 7.07 -6.79 6.08
C ALA A 147 6.60 -7.06 4.65
N ALA A 148 6.22 -6.00 3.92
CA ALA A 148 5.72 -6.16 2.57
C ALA A 148 6.81 -6.73 1.63
N GLN A 149 6.38 -7.39 0.56
CA GLN A 149 7.32 -7.98 -0.37
C GLN A 149 7.91 -6.91 -1.29
N GLU A 150 7.11 -5.90 -1.59
CA GLU A 150 7.52 -4.79 -2.45
C GLU A 150 6.98 -3.50 -1.86
N VAL A 151 7.78 -2.45 -1.93
CA VAL A 151 7.32 -1.12 -1.49
C VAL A 151 7.23 -0.20 -2.69
N LEU A 152 6.06 0.40 -2.87
CA LEU A 152 5.83 1.29 -3.99
C LEU A 152 5.80 2.71 -3.45
N LEU A 153 6.83 3.49 -3.76
CA LEU A 153 6.91 4.87 -3.31
C LEU A 153 6.29 5.74 -4.36
N VAL A 154 5.28 6.52 -3.97
CA VAL A 154 4.59 7.40 -4.89
C VAL A 154 5.11 8.82 -4.70
N VAL A 155 5.55 9.42 -5.80
CA VAL A 155 6.18 10.74 -5.74
C VAL A 155 5.48 11.67 -6.73
N CYS A 156 5.38 12.96 -6.39
CA CYS A 156 4.83 13.89 -7.37
C CYS A 156 5.64 15.14 -7.55
N ASP A 157 5.09 16.11 -8.29
CA ASP A 157 5.83 17.32 -8.65
C ASP A 157 5.80 18.39 -7.56
N GLU A 158 5.11 18.12 -6.46
CA GLU A 158 5.11 19.06 -5.34
C GLU A 158 6.52 19.21 -4.78
N PRO A 159 6.89 20.43 -4.37
CA PRO A 159 8.25 20.79 -3.94
C PRO A 159 8.91 19.80 -2.98
N THR A 160 8.18 19.36 -1.96
CA THR A 160 8.73 18.49 -0.93
C THR A 160 8.56 16.99 -1.21
N SER A 161 8.03 16.64 -2.37
CA SER A 161 7.72 15.24 -2.65
C SER A 161 8.97 14.37 -2.72
N ILE A 162 9.96 14.85 -3.45
CA ILE A 162 11.19 14.09 -3.66
C ILE A 162 11.98 13.96 -2.36
N THR A 163 12.07 15.05 -1.60
CA THR A 163 12.82 14.97 -0.37
C THR A 163 12.06 14.12 0.67
N ASP A 164 10.73 14.14 0.63
CA ASP A 164 9.95 13.27 1.52
C ASP A 164 10.18 11.81 1.16
N ALA A 165 10.22 11.53 -0.13
CA ALA A 165 10.48 10.18 -0.62
C ALA A 165 11.86 9.73 -0.17
N TYR A 166 12.85 10.60 -0.37
CA TYR A 166 14.20 10.27 0.09
C TYR A 166 14.25 9.99 1.60
N ALA A 167 13.60 10.84 2.39
CA ALA A 167 13.71 10.70 3.83
C ALA A 167 13.14 9.35 4.26
N LEU A 168 12.12 8.90 3.54
CA LEU A 168 11.48 7.64 3.83
C LEU A 168 12.40 6.47 3.46
N ILE A 169 13.00 6.53 2.27
CA ILE A 169 13.99 5.53 1.86
C ILE A 169 15.13 5.44 2.87
N LYS A 170 15.62 6.60 3.28
CA LYS A 170 16.71 6.66 4.25
C LYS A 170 16.33 5.94 5.54
N LEU A 171 15.11 6.19 6.01
CA LEU A 171 14.64 5.59 7.26
C LEU A 171 14.48 4.09 7.14
N LEU A 172 13.78 3.65 6.10
CA LEU A 172 13.57 2.21 5.89
C LEU A 172 14.90 1.48 5.67
N ASN A 173 15.82 2.11 4.95
CA ASN A 173 17.13 1.51 4.74
C ASN A 173 17.91 1.40 6.04
N ARG A 174 18.06 2.52 6.74
CA ARG A 174 18.86 2.56 7.95
C ARG A 174 18.22 1.78 9.11
N ASP A 175 16.93 1.94 9.31
CA ASP A 175 16.29 1.42 10.51
C ASP A 175 15.62 0.05 10.29
N HIS A 176 15.26 -0.27 9.06
CA HIS A 176 14.53 -1.50 8.81
C HIS A 176 15.13 -2.36 7.70
N GLY A 177 16.42 -2.15 7.42
CA GLY A 177 17.19 -3.00 6.53
C GLY A 177 16.68 -3.15 5.10
N MET A 178 15.76 -2.28 4.69
CA MET A 178 15.16 -2.40 3.36
C MET A 178 16.10 -1.83 2.31
N THR A 179 16.26 -2.54 1.20
CA THR A 179 17.24 -2.16 0.19
C THR A 179 16.72 -2.02 -1.24
N ARG A 180 15.43 -2.27 -1.46
CA ARG A 180 14.85 -2.14 -2.80
C ARG A 180 13.47 -1.47 -2.79
N PHE A 181 13.27 -0.55 -3.73
CA PHE A 181 12.09 0.30 -3.74
C PHE A 181 11.59 0.51 -5.16
N ARG A 182 10.28 0.42 -5.34
CA ARG A 182 9.66 0.79 -6.61
C ARG A 182 9.24 2.26 -6.52
N VAL A 183 9.35 2.98 -7.62
CA VAL A 183 9.03 4.42 -7.64
C VAL A 183 8.02 4.74 -8.75
N LEU A 184 6.91 5.35 -8.36
CA LEU A 184 5.86 5.75 -9.28
C LEU A 184 5.69 7.25 -9.25
N ALA A 185 5.72 7.88 -10.42
CA ALA A 185 5.46 9.33 -10.50
C ALA A 185 3.98 9.55 -10.68
N ASN A 186 3.39 10.31 -9.77
CA ASN A 186 1.94 10.51 -9.76
C ASN A 186 1.56 11.89 -10.30
N MET A 187 0.67 11.89 -11.29
CA MET A 187 0.09 13.06 -11.91
C MET A 187 1.14 13.93 -12.60
N ALA A 188 2.13 13.26 -13.17
CA ALA A 188 3.14 13.95 -13.95
C ALA A 188 2.56 14.48 -15.25
N HIS A 189 2.95 15.69 -15.65
CA HIS A 189 2.38 16.32 -16.82
C HIS A 189 3.04 15.86 -18.10
N SER A 190 4.15 15.15 -17.97
CA SER A 190 4.79 14.56 -19.14
C SER A 190 5.71 13.41 -18.73
N PRO A 191 5.99 12.50 -19.67
CA PRO A 191 6.96 11.45 -19.36
C PRO A 191 8.30 12.02 -18.92
N GLN A 192 8.75 13.12 -19.52
CA GLN A 192 10.02 13.72 -19.15
C GLN A 192 10.03 14.21 -17.71
N GLU A 193 8.91 14.77 -17.26
CA GLU A 193 8.83 15.24 -15.88
C GLU A 193 8.88 14.06 -14.91
N GLY A 194 8.27 12.93 -15.28
CA GLY A 194 8.38 11.75 -14.46
C GLY A 194 9.82 11.24 -14.42
N ARG A 195 10.49 11.28 -15.56
CA ARG A 195 11.85 10.79 -15.64
C ARG A 195 12.79 11.64 -14.80
N ASN A 196 12.55 12.95 -14.81
CA ASN A 196 13.39 13.87 -14.04
C ASN A 196 13.29 13.58 -12.56
N LEU A 197 12.07 13.30 -12.11
CA LEU A 197 11.81 12.95 -10.73
C LEU A 197 12.60 11.70 -10.34
N PHE A 198 12.54 10.67 -11.18
CA PHE A 198 13.26 9.44 -10.88
C PHE A 198 14.76 9.66 -10.93
N ALA A 199 15.20 10.45 -11.90
CA ALA A 199 16.62 10.76 -12.06
C ALA A 199 17.19 11.48 -10.84
N LYS A 200 16.40 12.40 -10.28
CA LYS A 200 16.80 13.12 -9.07
C LYS A 200 16.93 12.16 -7.88
N LEU A 201 15.91 11.33 -7.65
CA LEU A 201 15.97 10.35 -6.55
C LEU A 201 17.11 9.37 -6.69
N THR A 202 17.37 8.92 -7.92
CA THR A 202 18.46 7.99 -8.16
C THR A 202 19.79 8.64 -7.81
N LYS A 203 20.01 9.86 -8.28
CA LYS A 203 21.27 10.57 -8.05
C LYS A 203 21.56 10.73 -6.56
N VAL A 204 20.54 11.12 -5.80
CA VAL A 204 20.65 11.33 -4.36
C VAL A 204 20.87 10.02 -3.59
N THR A 205 20.07 9.00 -3.88
CA THR A 205 20.25 7.70 -3.22
C THR A 205 21.58 7.05 -3.63
N ASP A 206 22.00 7.30 -4.86
CA ASP A 206 23.31 6.82 -5.33
C ASP A 206 24.44 7.31 -4.42
N ARG A 207 24.38 8.59 -4.05
CA ARG A 207 25.45 9.21 -3.28
C ARG A 207 25.52 8.70 -1.85
N PHE A 208 24.36 8.59 -1.20
CA PHE A 208 24.36 8.38 0.25
C PHE A 208 24.03 6.95 0.67
N LEU A 209 23.38 6.20 -0.20
CA LEU A 209 22.89 4.87 0.17
C LEU A 209 23.35 3.76 -0.75
N ASP A 210 23.09 2.52 -0.35
CA ASP A 210 23.28 1.38 -1.23
C ASP A 210 21.94 0.68 -1.38
N VAL A 211 21.10 1.23 -2.25
CA VAL A 211 19.76 0.72 -2.45
C VAL A 211 19.50 0.58 -3.94
N ALA A 212 18.45 -0.17 -4.27
CA ALA A 212 18.09 -0.36 -5.66
C ALA A 212 16.69 0.19 -5.92
N LEU A 213 16.63 1.30 -6.64
CA LEU A 213 15.34 1.86 -7.06
C LEU A 213 14.97 1.30 -8.41
N GLN A 214 13.68 1.17 -8.65
CA GLN A 214 13.25 0.73 -9.96
C GLN A 214 12.08 1.62 -10.35
N TYR A 215 12.14 2.17 -11.55
CA TYR A 215 11.16 3.17 -11.99
C TYR A 215 9.96 2.49 -12.62
N VAL A 216 8.81 2.54 -11.93
CA VAL A 216 7.60 1.88 -12.43
C VAL A 216 6.99 2.64 -13.60
N GLY A 217 7.08 3.97 -13.57
CA GLY A 217 6.48 4.79 -14.60
C GLY A 217 5.66 5.97 -14.07
N VAL A 218 4.73 6.44 -14.89
CA VAL A 218 3.98 7.65 -14.66
C VAL A 218 2.50 7.37 -14.68
N ILE A 219 1.78 7.87 -13.68
CA ILE A 219 0.34 8.06 -13.81
C ILE A 219 0.18 9.47 -14.35
N PRO A 220 -0.33 9.63 -15.58
CA PRO A 220 -0.37 10.96 -16.18
C PRO A 220 -1.39 11.89 -15.55
N TYR A 221 -1.03 13.16 -15.45
CA TYR A 221 -2.02 14.19 -15.08
C TYR A 221 -3.24 14.02 -15.97
N ASP A 222 -4.41 14.03 -15.35
CA ASP A 222 -5.66 13.69 -16.03
C ASP A 222 -6.81 14.38 -15.33
N GLU A 223 -7.54 15.23 -16.05
CA GLU A 223 -8.73 15.88 -15.50
C GLU A 223 -9.79 14.89 -15.01
N SER A 224 -9.75 13.66 -15.50
CA SER A 224 -10.71 12.66 -15.05
C SER A 224 -10.54 12.33 -13.58
N VAL A 225 -9.34 12.53 -13.06
CA VAL A 225 -9.10 12.22 -11.65
C VAL A 225 -9.92 13.16 -10.77
N ARG A 226 -9.80 14.47 -10.99
CA ARG A 226 -10.64 15.40 -10.24
C ARG A 226 -12.11 15.10 -10.43
N LYS A 227 -12.51 14.81 -11.67
CA LYS A 227 -13.93 14.54 -11.95
C LYS A 227 -14.41 13.36 -11.12
N ALA A 228 -13.57 12.32 -10.99
CA ALA A 228 -13.93 11.14 -10.21
C ALA A 228 -13.99 11.49 -8.72
N VAL A 229 -12.97 12.21 -8.28
CA VAL A 229 -12.89 12.64 -6.87
C VAL A 229 -14.12 13.42 -6.47
N GLN A 230 -14.59 14.31 -7.35
CA GLN A 230 -15.74 15.15 -7.01
C GLN A 230 -17.02 14.30 -6.95
N LYS A 231 -17.00 13.10 -7.56
CA LYS A 231 -18.13 12.19 -7.48
CA LYS A 231 -18.13 12.18 -7.48
C LYS A 231 -17.93 11.16 -6.36
N GLN A 232 -16.86 11.34 -5.57
CA GLN A 232 -16.51 10.38 -4.53
C GLN A 232 -16.32 8.97 -5.09
N ARG A 233 -15.66 8.90 -6.25
CA ARG A 233 -15.36 7.61 -6.87
C ARG A 233 -13.90 7.54 -7.23
N ALA A 234 -13.38 6.32 -7.36
CA ALA A 234 -12.01 6.13 -7.83
C ALA A 234 -11.99 6.28 -9.33
N VAL A 235 -10.91 6.87 -9.86
CA VAL A 235 -10.87 7.11 -11.29
C VAL A 235 -10.91 5.83 -12.09
N TYR A 236 -10.32 4.74 -11.58
CA TYR A 236 -10.33 3.51 -12.35
C TYR A 236 -11.76 2.95 -12.50
N GLU A 237 -12.56 3.15 -11.46
CA GLU A 237 -13.94 2.65 -11.45
C GLU A 237 -14.86 3.53 -12.26
N ALA A 238 -14.71 4.84 -12.11
CA ALA A 238 -15.60 5.81 -12.76
C ALA A 238 -15.28 5.92 -14.24
N PHE A 239 -13.98 5.92 -14.54
CA PHE A 239 -13.52 6.21 -15.90
C PHE A 239 -12.40 5.25 -16.32
N PRO A 240 -12.76 3.98 -16.54
CA PRO A 240 -11.72 2.96 -16.77
C PRO A 240 -10.88 3.16 -18.03
N ARG A 241 -11.32 3.98 -18.99
CA ARG A 241 -10.52 4.18 -20.20
C ARG A 241 -9.95 5.61 -20.33
N SER A 242 -9.96 6.35 -19.21
CA SER A 242 -9.30 7.64 -19.21
CA SER A 242 -9.30 7.63 -19.14
C SER A 242 -7.79 7.40 -19.15
N LYS A 243 -7.00 8.40 -19.53
CA LYS A 243 -5.56 8.15 -19.61
C LYS A 243 -4.94 7.69 -18.28
N ALA A 244 -5.42 8.22 -17.16
CA ALA A 244 -4.82 7.84 -15.90
C ALA A 244 -5.20 6.40 -15.59
N SER A 245 -6.42 6.01 -15.96
CA SER A 245 -6.85 4.66 -15.63
C SER A 245 -6.11 3.65 -16.48
N LEU A 246 -5.87 3.98 -17.75
CA LEU A 246 -5.09 3.07 -18.57
C LEU A 246 -3.68 2.92 -18.05
N ALA A 247 -3.15 3.98 -17.45
CA ALA A 247 -1.83 3.86 -16.82
C ALA A 247 -1.88 2.95 -15.59
N PHE A 248 -2.93 3.05 -14.78
CA PHE A 248 -3.08 2.12 -13.65
C PHE A 248 -3.19 0.67 -14.09
N LYS A 249 -3.86 0.42 -15.20
CA LYS A 249 -3.92 -0.94 -15.72
C LYS A 249 -2.52 -1.45 -16.07
N ALA A 250 -1.75 -0.59 -16.71
CA ALA A 250 -0.38 -0.94 -17.08
C ALA A 250 0.48 -1.15 -15.84
N VAL A 251 0.28 -0.31 -14.81
CA VAL A 251 1.00 -0.53 -13.56
C VAL A 251 0.63 -1.88 -12.97
N ALA A 252 -0.67 -2.19 -12.99
CA ALA A 252 -1.12 -3.45 -12.46
C ALA A 252 -0.45 -4.61 -13.22
N GLN A 253 -0.27 -4.47 -14.53
CA GLN A 253 0.43 -5.49 -15.30
C GLN A 253 1.88 -5.63 -14.86
N LYS A 254 2.55 -4.52 -14.60
CA LYS A 254 3.92 -4.59 -14.09
C LYS A 254 3.97 -5.26 -12.73
N VAL A 255 2.98 -4.95 -11.90
CA VAL A 255 2.96 -5.42 -10.54
C VAL A 255 2.84 -6.94 -10.47
N ASP A 256 2.00 -7.53 -11.31
CA ASP A 256 1.87 -8.98 -11.35
C ASP A 256 3.15 -9.64 -11.91
N SER A 257 4.12 -8.82 -12.33
CA SER A 257 5.37 -9.35 -12.87
C SER A 257 6.52 -9.28 -11.86
N TRP A 258 6.33 -8.54 -10.78
CA TRP A 258 7.31 -8.48 -9.70
C TRP A 258 7.44 -9.84 -9.02
N PRO A 259 8.64 -10.16 -8.53
CA PRO A 259 8.80 -11.49 -7.94
C PRO A 259 7.92 -11.72 -6.72
N LEU A 260 7.33 -12.90 -6.66
CA LEU A 260 6.55 -13.32 -5.52
C LEU A 260 7.43 -13.64 -4.32
N PRO A 261 6.85 -13.63 -3.11
CA PRO A 261 7.58 -14.09 -1.92
C PRO A 261 8.22 -15.45 -2.17
N ALA A 262 9.39 -15.70 -1.57
CA ALA A 262 10.14 -16.91 -1.86
C ALA A 262 9.70 -18.07 -0.96
N ASN A 263 8.47 -18.50 -1.15
CA ASN A 263 7.92 -19.61 -0.39
C ASN A 263 6.70 -20.16 -1.10
N PRO A 264 6.39 -21.44 -0.87
CA PRO A 264 5.17 -22.00 -1.45
C PRO A 264 3.93 -21.30 -0.92
N ARG A 265 2.81 -21.46 -1.61
CA ARG A 265 1.58 -20.83 -1.16
C ARG A 265 1.16 -21.41 0.19
N GLY A 266 0.80 -20.50 1.10
CA GLY A 266 0.35 -20.86 2.43
C GLY A 266 -0.82 -19.99 2.85
N HIS A 267 -0.70 -19.39 4.02
CA HIS A 267 -1.75 -18.54 4.57
C HIS A 267 -1.14 -17.30 5.19
N LEU A 268 -0.26 -16.66 4.41
CA LEU A 268 0.44 -15.42 4.77
C LEU A 268 1.34 -15.57 6.00
N GLU A 269 1.80 -16.80 6.28
CA GLU A 269 2.72 -17.03 7.38
C GLU A 269 3.99 -16.19 7.24
N PHE A 270 4.48 -16.06 6.01
CA PHE A 270 5.73 -15.33 5.79
C PHE A 270 5.61 -13.87 6.23
N PHE A 271 4.44 -13.29 6.05
CA PHE A 271 4.20 -11.89 6.35
C PHE A 271 4.11 -11.70 7.85
N VAL A 272 3.35 -12.56 8.50
CA VAL A 272 3.23 -12.53 9.95
C VAL A 272 4.62 -12.74 10.57
N GLU A 273 5.38 -13.68 10.02
CA GLU A 273 6.74 -13.90 10.50
C GLU A 273 7.52 -12.59 10.45
N ARG A 274 7.50 -11.90 9.32
CA ARG A 274 8.20 -10.61 9.21
C ARG A 274 7.69 -9.54 10.18
N LEU A 275 6.38 -9.48 10.38
CA LEU A 275 5.81 -8.52 11.31
C LEU A 275 6.38 -8.63 12.72
N VAL A 276 6.59 -9.86 13.19
CA VAL A 276 6.91 -10.08 14.59
C VAL A 276 8.40 -10.16 14.93
N GLN A 277 9.25 -10.13 13.90
CA GLN A 277 10.69 -10.20 14.10
C GLN A 277 11.44 -9.46 12.98
N HIS A 278 12.67 -9.90 12.71
CA HIS A 278 13.47 -9.29 11.67
C HIS A 278 13.87 -7.86 12.05
#